data_9J7M
#
_entry.id   9J7M
#
_cell.length_a   1.00
_cell.length_b   1.00
_cell.length_c   1.00
_cell.angle_alpha   90.00
_cell.angle_beta   90.00
_cell.angle_gamma   90.00
#
_symmetry.space_group_name_H-M   'P 1'
#
loop_
_entity.id
_entity.type
_entity.pdbx_description
1 polymer 'Sodium- and chloride-dependent taurine transporter'
2 non-polymer '2-AMINOETHANESULFONIC ACID'
3 non-polymer HEXADECANE
4 non-polymer CHOLESTEROL
5 non-polymer 'CHOLESTEROL HEMISUCCINATE'
6 non-polymer 'SODIUM ION'
7 non-polymer 'CHLORIDE ION'
8 water water
#
_entity_poly.entity_id   1
_entity_poly.type   'polypeptide(L)'
_entity_poly.pdbx_seq_one_letter_code
;MATKEKLQCLKDFHKDILKPSPGKSPGTRPEDEAEGKPPQREKWSSKIDFVLSVAGGFVGLGNVWRFPYLCYKNGGGAFL
IPYFIFLFGSGLPVFFLEIIIGQYTSEGGITCWEKICPLFSGIGYASVVIVSLLNVYYIVILAWATYYLFQSFQKELPWA
HCNHSWNTPHCMEDTMRKNKSVWITISSTNFTSPVIEFWERNVLSLSPGIDHPGSLKWDLALCLLLVWLVCFFCIWKGVR
STGKVVYFTATFPFAMLLVLLVRGLTLPGAGAGIKFYLYPDITRLEDPQVWIDAGTQIFFSYAICLGAMTSLGSYNKYKY
NSYRDCMLLGCLNSGTSFVSGFAIFSILGFMAQEQGVDIADVAESGPGLAFIAYPKAVTMMPLPTFWSILFFIMLLLLGL
DSQFVEVEGQITSLVDLYPSFLRKGYRREIFIAFVCSISYLLGLTMVTEGGMYVFQLFDYYAASGVCLLWVAFFECFVIA
WIYGGDNLYDGIEDMIGYRPGPWMKYSWAVITPVLCVGCFIFSLVKYVPLTYNKTYVYPNWAIGLGWSLALSSMLCVPLV
IVIRLCQTEGPFLVRVKYLLTPREPNRWAVEREGATPYNSRTVMNGALVKPTHIIVETMM
;
_entity_poly.pdbx_strand_id   A
#
loop_
_chem_comp.id
_chem_comp.type
_chem_comp.name
_chem_comp.formula
CL non-polymer 'CHLORIDE ION' 'Cl -1'
CLR non-polymer CHOLESTEROL 'C27 H46 O'
NA non-polymer 'SODIUM ION' 'Na 1'
R16 non-polymer HEXADECANE 'C16 H34'
TAU non-polymer '2-AMINOETHANESULFONIC ACID' 'C2 H7 N O3 S'
Y01 non-polymer 'CHOLESTEROL HEMISUCCINATE' 'C31 H50 O4'
#
# COMPACT_ATOMS: atom_id res chain seq x y z
N PRO A 38 -23.30 22.11 -5.75
CA PRO A 38 -22.87 20.83 -6.34
C PRO A 38 -23.68 20.47 -7.58
N PRO A 39 -23.43 21.14 -8.71
CA PRO A 39 -24.19 20.84 -9.93
C PRO A 39 -23.97 19.43 -10.44
N GLN A 40 -22.71 19.06 -10.67
CA GLN A 40 -22.35 17.75 -11.20
C GLN A 40 -20.84 17.62 -11.14
N ARG A 41 -20.37 16.39 -10.89
CA ARG A 41 -18.94 16.11 -10.93
C ARG A 41 -18.43 16.22 -12.36
N GLU A 42 -17.26 16.83 -12.53
CA GLU A 42 -16.69 17.00 -13.86
C GLU A 42 -16.16 15.67 -14.37
N LYS A 43 -16.72 15.21 -15.49
CA LYS A 43 -16.34 13.92 -16.04
C LYS A 43 -14.93 13.98 -16.65
N TRP A 44 -14.36 12.80 -16.87
CA TRP A 44 -13.04 12.72 -17.48
C TRP A 44 -13.07 13.27 -18.90
N SER A 45 -11.94 13.87 -19.30
CA SER A 45 -11.82 14.36 -20.67
C SER A 45 -11.85 13.21 -21.66
N SER A 46 -11.22 12.10 -21.32
CA SER A 46 -11.21 10.91 -22.16
C SER A 46 -10.92 9.70 -21.29
N LYS A 47 -11.17 8.51 -21.86
CA LYS A 47 -10.92 7.28 -21.14
C LYS A 47 -9.44 7.11 -20.80
N ILE A 48 -8.55 7.67 -21.62
CA ILE A 48 -7.12 7.57 -21.36
C ILE A 48 -6.78 8.23 -20.03
N ASP A 49 -7.43 9.35 -19.70
CA ASP A 49 -7.18 10.02 -18.43
C ASP A 49 -7.54 9.11 -17.26
N PHE A 50 -8.71 8.46 -17.33
CA PHE A 50 -9.12 7.55 -16.26
C PHE A 50 -8.16 6.38 -16.13
N VAL A 51 -7.76 5.79 -17.26
CA VAL A 51 -6.85 4.64 -17.23
C VAL A 51 -5.51 5.04 -16.62
N LEU A 52 -4.96 6.18 -17.06
CA LEU A 52 -3.68 6.64 -16.54
C LEU A 52 -3.76 6.97 -15.06
N SER A 53 -4.86 7.60 -14.63
CA SER A 53 -5.01 7.94 -13.22
C SER A 53 -5.06 6.69 -12.36
N VAL A 54 -5.84 5.69 -12.79
CA VAL A 54 -5.93 4.45 -12.01
C VAL A 54 -4.57 3.76 -11.97
N ALA A 55 -3.91 3.66 -13.12
CA ALA A 55 -2.63 2.96 -13.18
C ALA A 55 -1.58 3.63 -12.32
N GLY A 56 -1.53 4.97 -12.33
CA GLY A 56 -0.60 5.68 -11.49
C GLY A 56 -0.98 5.67 -10.02
N GLY A 57 -2.26 5.49 -9.71
CA GLY A 57 -2.69 5.47 -8.32
C GLY A 57 -2.54 4.14 -7.61
N PHE A 58 -2.76 3.02 -8.29
CA PHE A 58 -2.75 1.73 -7.63
C PHE A 58 -1.58 0.84 -8.05
N VAL A 59 -0.61 1.38 -8.78
CA VAL A 59 0.65 0.69 -9.06
C VAL A 59 1.77 1.59 -8.54
N GLY A 60 2.60 1.06 -7.65
CA GLY A 60 3.63 1.86 -7.04
C GLY A 60 4.54 1.14 -6.07
N LEU A 61 4.78 1.74 -4.90
CA LEU A 61 5.72 1.16 -3.94
C LEU A 61 5.22 -0.14 -3.36
N GLY A 62 3.90 -0.35 -3.33
CA GLY A 62 3.37 -1.60 -2.83
C GLY A 62 3.69 -2.80 -3.70
N ASN A 63 4.12 -2.57 -4.94
CA ASN A 63 4.47 -3.64 -5.85
C ASN A 63 5.95 -3.98 -5.81
N VAL A 64 6.82 -3.00 -5.56
CA VAL A 64 8.27 -3.20 -5.65
C VAL A 64 8.96 -3.14 -4.30
N TRP A 65 8.27 -2.76 -3.23
CA TRP A 65 8.88 -2.65 -1.92
C TRP A 65 8.22 -3.53 -0.87
N ARG A 66 6.90 -3.61 -0.85
CA ARG A 66 6.18 -4.34 0.20
C ARG A 66 5.99 -5.82 -0.14
N PHE A 67 5.69 -6.13 -1.40
CA PHE A 67 5.56 -7.52 -1.80
C PHE A 67 6.83 -8.33 -1.57
N PRO A 68 8.02 -7.88 -2.00
CA PRO A 68 9.21 -8.73 -1.79
C PRO A 68 9.52 -9.02 -0.34
N TYR A 69 9.40 -8.04 0.56
CA TYR A 69 9.81 -8.30 1.94
C TYR A 69 8.77 -9.13 2.68
N LEU A 70 7.49 -9.00 2.33
CA LEU A 70 6.48 -9.87 2.92
C LEU A 70 6.63 -11.30 2.41
N CYS A 71 6.98 -11.47 1.13
CA CYS A 71 7.25 -12.81 0.62
C CYS A 71 8.49 -13.41 1.27
N TYR A 72 9.54 -12.60 1.47
CA TYR A 72 10.78 -13.08 2.07
C TYR A 72 10.59 -13.44 3.53
N LYS A 73 9.77 -12.66 4.25
CA LYS A 73 9.56 -12.90 5.67
C LYS A 73 8.85 -14.23 5.92
N ASN A 74 7.95 -14.61 5.02
CA ASN A 74 7.16 -15.83 5.18
C ASN A 74 7.80 -17.05 4.54
N GLY A 75 9.01 -16.92 4.00
CA GLY A 75 9.76 -18.05 3.49
C GLY A 75 9.73 -18.20 1.99
N GLY A 76 8.78 -17.58 1.29
CA GLY A 76 8.73 -17.65 -0.15
C GLY A 76 8.17 -18.95 -0.66
N GLY A 77 7.36 -18.89 -1.73
CA GLY A 77 6.78 -20.09 -2.29
C GLY A 77 5.43 -20.42 -1.69
N ALA A 78 5.40 -20.66 -0.38
CA ALA A 78 4.13 -20.85 0.32
C ALA A 78 3.32 -19.57 0.39
N PHE A 79 3.97 -18.42 0.23
CA PHE A 79 3.28 -17.13 0.23
C PHE A 79 2.41 -16.94 -1.01
N LEU A 80 2.67 -17.70 -2.08
CA LEU A 80 1.99 -17.47 -3.35
C LEU A 80 0.64 -18.18 -3.46
N ILE A 81 0.37 -19.18 -2.63
CA ILE A 81 -0.89 -19.90 -2.72
C ILE A 81 -2.02 -19.04 -2.14
N PRO A 82 -1.94 -18.59 -0.87
CA PRO A 82 -2.97 -17.65 -0.40
C PRO A 82 -3.01 -16.36 -1.19
N TYR A 83 -1.87 -15.92 -1.73
CA TYR A 83 -1.85 -14.70 -2.53
C TYR A 83 -2.77 -14.83 -3.75
N PHE A 84 -2.60 -15.89 -4.53
CA PHE A 84 -3.43 -16.07 -5.73
C PHE A 84 -4.86 -16.45 -5.36
N ILE A 85 -5.05 -17.20 -4.27
CA ILE A 85 -6.42 -17.51 -3.83
C ILE A 85 -7.17 -16.22 -3.53
N PHE A 86 -6.56 -15.32 -2.76
CA PHE A 86 -7.21 -14.05 -2.44
C PHE A 86 -7.37 -13.19 -3.70
N LEU A 87 -6.37 -13.19 -4.59
CA LEU A 87 -6.45 -12.38 -5.80
C LEU A 87 -7.64 -12.77 -6.66
N PHE A 88 -7.86 -14.07 -6.83
CA PHE A 88 -8.98 -14.52 -7.66
C PHE A 88 -10.28 -14.69 -6.89
N GLY A 89 -10.27 -14.55 -5.57
CA GLY A 89 -11.51 -14.65 -4.82
C GLY A 89 -12.11 -13.33 -4.40
N SER A 90 -11.29 -12.37 -3.97
CA SER A 90 -11.80 -11.13 -3.41
C SER A 90 -11.16 -9.90 -4.05
N GLY A 91 -9.92 -10.02 -4.52
CA GLY A 91 -9.18 -8.88 -5.01
C GLY A 91 -9.82 -8.12 -6.15
N LEU A 92 -9.93 -8.76 -7.31
CA LEU A 92 -10.57 -8.11 -8.46
C LEU A 92 -12.05 -7.81 -8.23
N PRO A 93 -12.88 -8.73 -7.71
CA PRO A 93 -14.30 -8.40 -7.54
C PRO A 93 -14.57 -7.19 -6.67
N VAL A 94 -13.82 -7.00 -5.57
CA VAL A 94 -14.07 -5.86 -4.70
C VAL A 94 -13.63 -4.57 -5.38
N PHE A 95 -12.50 -4.61 -6.10
CA PHE A 95 -12.04 -3.43 -6.84
C PHE A 95 -13.08 -3.01 -7.88
N PHE A 96 -13.60 -3.97 -8.64
CA PHE A 96 -14.63 -3.65 -9.62
C PHE A 96 -15.91 -3.17 -8.94
N LEU A 97 -16.25 -3.74 -7.79
CA LEU A 97 -17.44 -3.30 -7.07
C LEU A 97 -17.32 -1.85 -6.64
N GLU A 98 -16.16 -1.46 -6.10
CA GLU A 98 -15.95 -0.08 -5.70
C GLU A 98 -16.02 0.87 -6.91
N ILE A 99 -15.36 0.49 -8.01
CA ILE A 99 -15.38 1.34 -9.20
C ILE A 99 -16.81 1.49 -9.72
N ILE A 100 -17.55 0.38 -9.78
CA ILE A 100 -18.90 0.41 -10.34
C ILE A 100 -19.86 1.16 -9.43
N ILE A 101 -19.66 1.09 -8.11
CA ILE A 101 -20.49 1.85 -7.19
C ILE A 101 -20.22 3.35 -7.35
N GLY A 102 -18.95 3.72 -7.48
CA GLY A 102 -18.62 5.13 -7.72
C GLY A 102 -19.23 5.64 -9.01
N GLN A 103 -19.17 4.83 -10.07
CA GLN A 103 -19.76 5.24 -11.34
C GLN A 103 -21.28 5.34 -11.24
N TYR A 104 -21.91 4.38 -10.54
CA TYR A 104 -23.37 4.33 -10.45
C TYR A 104 -23.92 5.51 -9.65
N THR A 105 -23.37 5.75 -8.46
CA THR A 105 -23.92 6.78 -7.59
C THR A 105 -23.44 8.18 -7.96
N SER A 106 -22.36 8.29 -8.74
CA SER A 106 -21.77 9.58 -9.11
C SER A 106 -21.44 10.41 -7.88
N GLU A 107 -20.94 9.75 -6.84
CA GLU A 107 -20.61 10.41 -5.58
C GLU A 107 -19.29 9.87 -5.06
N GLY A 108 -18.70 10.60 -4.12
CA GLY A 108 -17.42 10.24 -3.56
C GLY A 108 -17.49 8.98 -2.71
N GLY A 109 -16.39 8.71 -2.03
CA GLY A 109 -16.26 7.51 -1.23
C GLY A 109 -16.88 7.58 0.16
N ILE A 110 -17.49 8.70 0.52
CA ILE A 110 -18.06 8.86 1.85
C ILE A 110 -19.56 9.10 1.76
N THR A 111 -20.02 9.60 0.60
CA THR A 111 -21.43 9.92 0.41
C THR A 111 -22.16 8.89 -0.46
N CYS A 112 -21.43 8.00 -1.14
CA CYS A 112 -22.08 6.99 -1.96
C CYS A 112 -22.87 5.99 -1.11
N TRP A 113 -22.43 5.76 0.13
CA TRP A 113 -23.12 4.82 1.01
C TRP A 113 -24.42 5.36 1.55
N GLU A 114 -24.69 6.65 1.38
CA GLU A 114 -25.98 7.20 1.78
C GLU A 114 -27.07 6.83 0.79
N LYS A 115 -26.71 6.61 -0.46
CA LYS A 115 -27.66 6.25 -1.51
C LYS A 115 -27.80 4.74 -1.70
N ILE A 116 -27.08 3.94 -0.92
CA ILE A 116 -27.14 2.49 -1.01
C ILE A 116 -27.71 1.88 0.27
N CYS A 117 -27.20 2.28 1.43
CA CYS A 117 -27.71 1.84 2.72
C CYS A 117 -27.38 2.91 3.75
N PRO A 118 -28.32 3.80 4.06
CA PRO A 118 -28.01 4.88 5.01
C PRO A 118 -27.59 4.39 6.39
N LEU A 119 -28.09 3.23 6.83
CA LEU A 119 -27.71 2.70 8.13
C LEU A 119 -26.23 2.36 8.19
N PHE A 120 -25.71 1.71 7.14
CA PHE A 120 -24.31 1.30 7.10
C PHE A 120 -23.46 2.38 6.40
N SER A 121 -23.56 3.60 6.92
CA SER A 121 -22.84 4.74 6.37
C SER A 121 -21.50 4.98 7.04
N GLY A 122 -21.12 4.16 8.03
CA GLY A 122 -19.83 4.32 8.67
C GLY A 122 -18.66 3.76 7.90
N ILE A 123 -18.92 3.05 6.81
CA ILE A 123 -17.85 2.50 5.99
C ILE A 123 -17.01 3.61 5.37
N GLY A 124 -17.68 4.69 4.92
CA GLY A 124 -16.93 5.82 4.38
C GLY A 124 -16.04 6.48 5.41
N TYR A 125 -16.54 6.66 6.63
CA TYR A 125 -15.73 7.25 7.69
C TYR A 125 -14.55 6.34 8.05
N ALA A 126 -14.78 5.04 8.12
CA ALA A 126 -13.69 4.11 8.38
C ALA A 126 -12.63 4.19 7.29
N SER A 127 -13.07 4.27 6.03
CA SER A 127 -12.14 4.38 4.91
C SER A 127 -11.33 5.67 4.99
N VAL A 128 -11.99 6.78 5.35
CA VAL A 128 -11.27 8.06 5.44
C VAL A 128 -10.26 8.02 6.58
N VAL A 129 -10.59 7.36 7.69
CA VAL A 129 -9.62 7.22 8.78
C VAL A 129 -8.43 6.38 8.34
N ILE A 130 -8.70 5.28 7.63
CA ILE A 130 -7.61 4.41 7.16
C ILE A 130 -6.69 5.16 6.21
N VAL A 131 -7.27 5.92 5.28
CA VAL A 131 -6.44 6.65 4.32
C VAL A 131 -5.66 7.77 5.01
N SER A 132 -6.26 8.42 6.01
CA SER A 132 -5.54 9.45 6.76
C SER A 132 -4.35 8.86 7.50
N LEU A 133 -4.53 7.66 8.08
CA LEU A 133 -3.40 7.03 8.76
C LEU A 133 -2.34 6.54 7.77
N LEU A 134 -2.77 6.10 6.58
CA LEU A 134 -1.82 5.59 5.59
C LEU A 134 -0.96 6.73 5.01
N ASN A 135 -1.57 7.90 4.78
CA ASN A 135 -0.83 9.01 4.19
C ASN A 135 0.28 9.52 5.08
N VAL A 136 0.19 9.30 6.39
CA VAL A 136 1.22 9.79 7.31
C VAL A 136 2.51 9.00 7.15
N TYR A 137 2.40 7.67 7.06
CA TYR A 137 3.58 6.81 7.07
C TYR A 137 3.99 6.32 5.68
N TYR A 138 3.18 6.57 4.64
CA TYR A 138 3.59 6.14 3.31
C TYR A 138 4.71 6.97 2.72
N ILE A 139 5.04 8.12 3.32
CA ILE A 139 5.99 9.06 2.72
C ILE A 139 7.38 8.98 3.34
N VAL A 140 7.55 8.24 4.45
CA VAL A 140 8.88 8.04 5.01
C VAL A 140 9.74 7.23 4.05
N ILE A 141 9.14 6.31 3.29
CA ILE A 141 9.89 5.57 2.28
C ILE A 141 10.42 6.51 1.22
N LEU A 142 9.60 7.48 0.79
CA LEU A 142 10.08 8.48 -0.16
C LEU A 142 11.16 9.37 0.43
N ALA A 143 11.07 9.66 1.73
CA ALA A 143 12.15 10.41 2.39
C ALA A 143 13.46 9.62 2.36
N TRP A 144 13.40 8.32 2.64
CA TRP A 144 14.60 7.49 2.55
C TRP A 144 15.15 7.44 1.13
N ALA A 145 14.25 7.34 0.14
CA ALA A 145 14.69 7.33 -1.25
C ALA A 145 15.36 8.64 -1.64
N THR A 146 14.82 9.77 -1.15
CA THR A 146 15.44 11.07 -1.41
C THR A 146 16.82 11.16 -0.77
N TYR A 147 16.96 10.64 0.45
CA TYR A 147 18.27 10.60 1.09
C TYR A 147 19.27 9.81 0.26
N TYR A 148 18.86 8.62 -0.20
CA TYR A 148 19.75 7.79 -1.00
C TYR A 148 20.11 8.46 -2.32
N LEU A 149 19.13 9.11 -2.97
CA LEU A 149 19.40 9.79 -4.23
C LEU A 149 20.38 10.93 -4.05
N PHE A 150 20.21 11.73 -2.99
CA PHE A 150 21.16 12.81 -2.72
C PHE A 150 22.53 12.28 -2.33
N GLN A 151 22.60 11.11 -1.71
CA GLN A 151 23.89 10.51 -1.37
C GLN A 151 24.56 9.82 -2.55
N SER A 152 23.84 9.55 -3.63
CA SER A 152 24.41 8.88 -4.79
C SER A 152 25.08 9.83 -5.77
N PHE A 153 25.40 11.06 -5.36
CA PHE A 153 26.00 12.06 -6.23
C PHE A 153 27.49 12.26 -5.95
N GLN A 154 28.19 11.22 -5.52
CA GLN A 154 29.61 11.30 -5.22
C GLN A 154 30.42 10.55 -6.27
N LYS A 155 31.74 10.52 -6.07
CA LYS A 155 32.61 9.80 -6.99
C LYS A 155 32.45 8.29 -6.84
N GLU A 156 32.32 7.82 -5.61
CA GLU A 156 32.16 6.40 -5.32
C GLU A 156 31.00 6.22 -4.35
N LEU A 157 30.21 5.17 -4.57
CA LEU A 157 29.04 4.93 -3.74
C LEU A 157 29.45 4.64 -2.30
N PRO A 158 28.76 5.21 -1.32
CA PRO A 158 29.18 5.04 0.08
C PRO A 158 28.91 3.65 0.64
N TRP A 159 28.05 2.86 0.01
CA TRP A 159 27.69 1.55 0.51
C TRP A 159 28.46 0.42 -0.18
N ALA A 160 29.49 0.75 -0.94
CA ALA A 160 30.23 -0.26 -1.69
C ALA A 160 31.42 -0.82 -0.95
N HIS A 161 31.98 -0.05 0.00
CA HIS A 161 33.20 -0.49 0.75
C HIS A 161 33.02 -0.37 2.27
N CYS A 162 34.00 -0.85 3.06
CA CYS A 162 33.89 -0.87 4.55
C CYS A 162 34.98 -0.03 5.22
N ASN A 163 35.32 1.15 4.71
CA ASN A 163 36.32 1.99 5.45
C ASN A 163 35.73 3.38 5.68
N HIS A 164 34.74 3.49 6.56
CA HIS A 164 34.06 4.80 6.79
C HIS A 164 33.90 5.03 8.29
N SER A 165 33.40 6.21 8.68
CA SER A 165 33.27 6.56 10.12
C SER A 165 32.11 5.80 10.77
N TRP A 166 31.18 5.27 9.98
CA TRP A 166 30.00 4.57 10.53
C TRP A 166 30.22 3.05 10.52
N ASN A 167 31.35 2.59 10.02
CA ASN A 167 31.58 1.12 9.92
C ASN A 167 32.08 0.58 11.26
N THR A 168 31.91 -0.73 11.50
CA THR A 168 32.33 -1.36 12.78
C THR A 168 33.44 -2.37 12.49
N PRO A 169 34.25 -2.80 13.49
CA PRO A 169 35.36 -3.71 13.24
C PRO A 169 34.93 -5.01 12.53
N HIS A 170 33.63 -5.35 12.60
CA HIS A 170 33.10 -6.57 11.93
C HIS A 170 33.05 -6.38 10.42
N CYS A 171 32.65 -5.19 9.93
CA CYS A 171 32.49 -4.95 8.48
C CYS A 171 33.58 -5.69 7.68
N MET A 172 33.18 -6.53 6.73
CA MET A 172 34.16 -7.24 5.86
C MET A 172 33.62 -7.21 4.42
N GLU A 173 34.51 -7.06 3.44
CA GLU A 173 34.08 -7.02 2.04
C GLU A 173 33.43 -8.34 1.65
N ASP A 174 32.36 -8.24 0.84
CA ASP A 174 31.61 -9.43 0.48
C ASP A 174 32.44 -10.40 -0.37
N THR A 175 33.46 -9.89 -1.05
CA THR A 175 34.32 -10.75 -1.85
C THR A 175 35.21 -11.63 -0.96
N MET A 176 35.62 -11.10 0.19
CA MET A 176 36.54 -11.82 1.08
C MET A 176 35.83 -12.63 2.15
N ARG A 177 34.50 -12.65 2.15
CA ARG A 177 33.78 -13.41 3.17
C ARG A 177 33.97 -14.91 2.98
N LYS A 178 33.95 -15.39 1.74
CA LYS A 178 34.11 -16.81 1.48
C LYS A 178 35.57 -17.24 1.60
N ASN A 179 36.51 -16.35 1.30
CA ASN A 179 37.92 -16.72 1.30
C ASN A 179 38.41 -17.13 2.69
N LYS A 180 37.99 -16.40 3.72
CA LYS A 180 38.45 -16.65 5.08
C LYS A 180 37.26 -16.83 6.01
N SER A 181 37.47 -17.61 7.07
CA SER A 181 36.45 -17.93 8.07
C SER A 181 35.12 -18.33 7.44
N THR A 189 32.62 -14.86 14.12
CA THR A 189 32.90 -13.52 14.61
C THR A 189 31.79 -12.56 14.23
N ASN A 190 30.78 -13.07 13.52
CA ASN A 190 29.61 -12.30 13.11
C ASN A 190 29.99 -11.08 12.28
N PHE A 191 30.56 -11.35 11.11
CA PHE A 191 30.87 -10.29 10.17
C PHE A 191 29.59 -9.68 9.60
N THR A 192 29.71 -8.43 9.17
CA THR A 192 28.57 -7.68 8.63
C THR A 192 28.92 -7.13 7.25
N SER A 193 27.91 -7.00 6.41
CA SER A 193 28.09 -6.49 5.06
C SER A 193 28.08 -4.95 5.07
N PRO A 194 28.87 -4.33 4.18
CA PRO A 194 28.87 -2.87 4.10
C PRO A 194 27.51 -2.27 3.74
N VAL A 195 26.71 -2.95 2.94
CA VAL A 195 25.40 -2.42 2.57
C VAL A 195 24.48 -2.37 3.78
N ILE A 196 24.41 -3.48 4.54
CA ILE A 196 23.58 -3.52 5.72
C ILE A 196 24.09 -2.53 6.77
N GLU A 197 25.41 -2.45 6.94
CA GLU A 197 25.98 -1.51 7.89
C GLU A 197 25.63 -0.07 7.52
N PHE A 198 25.71 0.26 6.23
CA PHE A 198 25.30 1.59 5.78
C PHE A 198 23.83 1.84 6.11
N TRP A 199 22.95 0.92 5.70
CA TRP A 199 21.52 1.11 5.92
C TRP A 199 21.17 1.25 7.39
N GLU A 200 21.89 0.56 8.27
CA GLU A 200 21.53 0.55 9.68
C GLU A 200 22.25 1.60 10.52
N ARG A 201 23.38 2.14 10.05
CA ARG A 201 24.16 3.06 10.85
C ARG A 201 24.41 4.41 10.20
N ASN A 202 23.90 4.67 9.01
CA ASN A 202 24.02 5.98 8.40
C ASN A 202 22.67 6.58 8.03
N VAL A 203 21.74 5.77 7.56
CA VAL A 203 20.40 6.26 7.24
C VAL A 203 19.47 6.18 8.43
N LEU A 204 19.44 5.04 9.11
CA LEU A 204 18.53 4.82 10.23
C LEU A 204 19.13 5.24 11.57
N SER A 205 20.36 4.79 11.85
CA SER A 205 20.98 4.95 13.17
C SER A 205 20.10 4.33 14.25
N LEU A 206 19.93 3.01 14.14
CA LEU A 206 18.94 2.30 14.93
C LEU A 206 19.26 2.37 16.42
N SER A 207 18.22 2.49 17.23
CA SER A 207 18.28 2.52 18.67
C SER A 207 17.97 1.15 19.25
N PRO A 208 18.27 0.92 20.53
CA PRO A 208 17.97 -0.40 21.13
C PRO A 208 16.51 -0.80 21.07
N GLY A 209 15.57 0.15 21.15
CA GLY A 209 14.17 -0.23 21.14
C GLY A 209 13.28 0.96 20.92
N ILE A 210 11.97 0.69 20.92
CA ILE A 210 10.98 1.75 20.73
C ILE A 210 10.95 2.69 21.92
N ASP A 211 11.28 2.20 23.11
CA ASP A 211 11.36 3.03 24.30
C ASP A 211 12.64 3.84 24.39
N HIS A 212 13.41 3.91 23.30
CA HIS A 212 14.63 4.71 23.22
C HIS A 212 14.55 5.58 21.98
N PRO A 213 13.72 6.63 22.00
CA PRO A 213 13.56 7.47 20.80
C PRO A 213 14.85 8.16 20.37
N GLY A 214 15.79 8.38 21.29
CA GLY A 214 17.02 9.04 20.95
C GLY A 214 16.84 10.51 20.64
N SER A 215 17.40 10.96 19.51
CA SER A 215 17.30 12.34 19.09
C SER A 215 16.85 12.40 17.65
N LEU A 216 16.18 13.50 17.30
CA LEU A 216 15.68 13.68 15.94
C LEU A 216 16.83 13.82 14.96
N LYS A 217 16.69 13.18 13.80
CA LYS A 217 17.66 13.27 12.71
C LYS A 217 17.20 14.37 11.77
N TRP A 218 17.98 15.47 11.70
CA TRP A 218 17.56 16.64 10.96
C TRP A 218 17.69 16.45 9.45
N ASP A 219 18.67 15.65 9.01
CA ASP A 219 18.84 15.42 7.57
C ASP A 219 17.65 14.66 6.99
N LEU A 220 17.09 13.70 7.73
CA LEU A 220 15.88 13.03 7.27
C LEU A 220 14.65 13.91 7.38
N ALA A 221 14.60 14.77 8.41
CA ALA A 221 13.48 15.69 8.55
C ALA A 221 13.42 16.68 7.39
N LEU A 222 14.59 17.14 6.93
CA LEU A 222 14.61 18.04 5.79
C LEU A 222 14.13 17.35 4.51
N CYS A 223 14.51 16.08 4.32
CA CYS A 223 14.03 15.33 3.16
C CYS A 223 12.51 15.13 3.23
N LEU A 224 12.00 14.83 4.43
CA LEU A 224 10.55 14.71 4.60
C LEU A 224 9.84 16.02 4.29
N LEU A 225 10.39 17.14 4.76
CA LEU A 225 9.81 18.44 4.46
C LEU A 225 9.83 18.72 2.97
N LEU A 226 10.93 18.38 2.29
CA LEU A 226 11.03 18.60 0.86
C LEU A 226 9.97 17.81 0.09
N VAL A 227 9.83 16.52 0.44
CA VAL A 227 8.86 15.70 -0.28
C VAL A 227 7.43 16.15 0.01
N TRP A 228 7.15 16.57 1.25
CA TRP A 228 5.82 17.09 1.57
C TRP A 228 5.53 18.39 0.83
N LEU A 229 6.54 19.26 0.70
CA LEU A 229 6.35 20.50 -0.05
C LEU A 229 6.09 20.20 -1.52
N VAL A 230 6.81 19.24 -2.09
CA VAL A 230 6.57 18.85 -3.48
C VAL A 230 5.16 18.33 -3.65
N CYS A 231 4.71 17.48 -2.73
CA CYS A 231 3.35 16.94 -2.81
C CYS A 231 2.30 18.04 -2.71
N PHE A 232 2.49 18.98 -1.76
CA PHE A 232 1.54 20.07 -1.60
C PHE A 232 1.49 20.95 -2.85
N PHE A 233 2.65 21.26 -3.43
CA PHE A 233 2.66 22.10 -4.63
C PHE A 233 2.04 21.38 -5.81
N CYS A 234 2.10 20.05 -5.85
CA CYS A 234 1.56 19.30 -7.03
C CYS A 234 0.05 19.05 -6.86
N ILE A 235 -0.57 19.57 -5.80
CA ILE A 235 -2.03 19.34 -5.55
C ILE A 235 -2.75 20.69 -5.56
N TRP A 236 -2.18 21.70 -4.90
CA TRP A 236 -2.78 23.06 -4.93
C TRP A 236 -2.85 23.56 -6.38
N LYS A 237 -1.75 23.44 -7.12
CA LYS A 237 -1.72 23.88 -8.54
C LYS A 237 -2.56 22.92 -9.39
N GLY A 238 -2.48 21.61 -9.13
CA GLY A 238 -3.26 20.62 -9.88
C GLY A 238 -2.52 20.17 -11.13
N VAL A 239 -1.62 19.19 -11.00
CA VAL A 239 -0.80 18.71 -12.16
C VAL A 239 -1.75 18.20 -13.25
N ARG A 240 -1.63 18.76 -14.46
CA ARG A 240 -2.50 18.35 -15.59
C ARG A 240 -1.86 17.17 -16.31
N SER A 241 -2.63 16.46 -17.14
CA SER A 241 -2.08 15.31 -17.90
C SER A 241 -1.34 15.81 -19.14
N THR A 242 -0.17 16.44 -18.94
CA THR A 242 0.64 16.88 -20.10
C THR A 242 0.98 15.65 -20.94
N GLY A 243 0.74 15.72 -22.26
CA GLY A 243 0.95 14.53 -23.11
C GLY A 243 2.35 13.97 -22.99
N LYS A 244 3.38 14.82 -23.06
CA LYS A 244 4.79 14.35 -23.02
C LYS A 244 5.17 13.88 -21.61
N VAL A 245 4.85 14.67 -20.59
CA VAL A 245 5.30 14.32 -19.20
C VAL A 245 4.81 12.93 -18.82
N VAL A 246 3.49 12.68 -18.93
CA VAL A 246 2.93 11.38 -18.50
C VAL A 246 3.51 10.28 -19.39
N TYR A 247 3.58 10.52 -20.71
CA TYR A 247 4.13 9.52 -21.65
C TYR A 247 5.49 9.02 -21.14
N PHE A 248 6.23 9.88 -20.43
CA PHE A 248 7.55 9.48 -19.89
C PHE A 248 7.39 8.97 -18.46
N THR A 249 6.62 9.69 -17.63
CA THR A 249 6.47 9.32 -16.20
C THR A 249 5.86 7.92 -16.06
N ALA A 250 5.17 7.44 -17.10
CA ALA A 250 4.48 6.13 -16.98
C ALA A 250 5.22 5.04 -17.76
N THR A 251 6.38 5.35 -18.34
CA THR A 251 7.09 4.35 -19.18
C THR A 251 8.51 4.12 -18.63
N PHE A 252 9.09 5.12 -17.95
CA PHE A 252 10.43 4.97 -17.39
C PHE A 252 10.53 3.90 -16.31
N PRO A 253 9.62 3.83 -15.31
CA PRO A 253 9.77 2.79 -14.28
C PRO A 253 9.78 1.37 -14.84
N PHE A 254 8.97 1.09 -15.86
CA PHE A 254 8.93 -0.25 -16.42
C PHE A 254 10.23 -0.57 -17.17
N ALA A 255 10.79 0.40 -17.87
CA ALA A 255 12.08 0.19 -18.52
C ALA A 255 13.18 -0.08 -17.50
N MET A 256 13.19 0.69 -16.41
CA MET A 256 14.18 0.47 -15.36
C MET A 256 13.99 -0.90 -14.70
N LEU A 257 12.74 -1.31 -14.50
CA LEU A 257 12.46 -2.63 -13.93
C LEU A 257 12.97 -3.74 -14.86
N LEU A 258 12.75 -3.57 -16.17
CA LEU A 258 13.26 -4.55 -17.12
C LEU A 258 14.78 -4.62 -17.10
N VAL A 259 15.44 -3.46 -17.02
CA VAL A 259 16.90 -3.45 -16.94
C VAL A 259 17.38 -4.17 -15.70
N LEU A 260 16.74 -3.90 -14.55
CA LEU A 260 17.13 -4.56 -13.31
C LEU A 260 16.91 -6.07 -13.38
N LEU A 261 15.79 -6.49 -13.98
CA LEU A 261 15.51 -7.92 -14.11
C LEU A 261 16.54 -8.59 -14.99
N VAL A 262 16.89 -7.96 -16.12
CA VAL A 262 17.89 -8.54 -17.01
C VAL A 262 19.25 -8.63 -16.32
N ARG A 263 19.63 -7.60 -15.56
CA ARG A 263 20.88 -7.65 -14.83
C ARG A 263 20.87 -8.76 -13.78
N GLY A 264 19.76 -8.90 -13.05
CA GLY A 264 19.70 -9.89 -11.98
C GLY A 264 19.71 -11.32 -12.50
N LEU A 265 19.02 -11.57 -13.63
CA LEU A 265 18.87 -12.94 -14.09
C LEU A 265 20.16 -13.57 -14.58
N THR A 266 21.19 -12.77 -14.87
CA THR A 266 22.45 -13.30 -15.38
C THR A 266 23.54 -13.40 -14.32
N LEU A 267 23.21 -13.15 -13.06
CA LEU A 267 24.21 -13.26 -11.99
C LEU A 267 24.43 -14.72 -11.61
N PRO A 268 25.63 -15.07 -11.15
CA PRO A 268 25.89 -16.45 -10.73
C PRO A 268 25.17 -16.76 -9.42
N GLY A 269 24.22 -17.70 -9.48
CA GLY A 269 23.43 -18.07 -8.33
C GLY A 269 21.98 -17.67 -8.39
N ALA A 270 21.48 -17.22 -9.53
CA ALA A 270 20.08 -16.80 -9.63
C ALA A 270 19.14 -17.98 -9.57
N GLY A 271 19.59 -19.17 -10.01
CA GLY A 271 18.71 -20.32 -10.01
C GLY A 271 18.28 -20.74 -8.62
N ALA A 272 19.20 -20.72 -7.65
CA ALA A 272 18.85 -21.04 -6.28
C ALA A 272 17.84 -20.04 -5.72
N GLY A 273 18.02 -18.76 -6.01
CA GLY A 273 17.06 -17.76 -5.57
C GLY A 273 15.69 -17.96 -6.19
N ILE A 274 15.65 -18.30 -7.48
CA ILE A 274 14.37 -18.55 -8.16
C ILE A 274 13.68 -19.76 -7.56
N LYS A 275 14.45 -20.82 -7.27
CA LYS A 275 13.86 -22.01 -6.66
C LYS A 275 13.33 -21.71 -5.26
N PHE A 276 14.06 -20.90 -4.49
CA PHE A 276 13.57 -20.47 -3.18
C PHE A 276 12.30 -19.64 -3.32
N TYR A 277 12.21 -18.82 -4.37
CA TYR A 277 11.07 -17.96 -4.57
C TYR A 277 9.82 -18.73 -4.99
N LEU A 278 9.99 -19.78 -5.80
CA LEU A 278 8.85 -20.44 -6.44
C LEU A 278 8.36 -21.67 -5.71
N TYR A 279 9.25 -22.58 -5.32
CA TYR A 279 8.80 -23.85 -4.75
C TYR A 279 8.16 -23.64 -3.38
N PRO A 280 7.00 -24.21 -3.13
CA PRO A 280 6.28 -23.96 -1.87
C PRO A 280 6.68 -24.90 -0.75
N ASP A 281 6.31 -24.50 0.46
CA ASP A 281 6.48 -25.31 1.67
C ASP A 281 5.11 -25.47 2.32
N ILE A 282 4.56 -26.68 2.22
CA ILE A 282 3.20 -26.93 2.67
C ILE A 282 3.10 -26.77 4.20
N THR A 283 4.18 -27.05 4.92
CA THR A 283 4.13 -26.98 6.38
C THR A 283 3.81 -25.56 6.85
N ARG A 284 4.34 -24.55 6.16
CA ARG A 284 4.11 -23.16 6.56
C ARG A 284 2.63 -22.77 6.46
N LEU A 285 1.85 -23.48 5.64
CA LEU A 285 0.44 -23.14 5.44
C LEU A 285 -0.42 -23.39 6.67
N GLU A 286 0.11 -24.06 7.69
CA GLU A 286 -0.64 -24.32 8.91
C GLU A 286 -0.60 -23.17 9.92
N ASP A 287 -0.05 -22.01 9.52
CA ASP A 287 0.03 -20.85 10.38
C ASP A 287 -0.83 -19.72 9.84
N PRO A 288 -1.55 -19.00 10.70
CA PRO A 288 -2.40 -17.89 10.21
C PRO A 288 -1.62 -16.69 9.71
N GLN A 289 -0.34 -16.57 10.07
CA GLN A 289 0.42 -15.37 9.70
C GLN A 289 0.57 -15.24 8.19
N VAL A 290 0.94 -16.34 7.52
CA VAL A 290 1.10 -16.29 6.07
C VAL A 290 -0.24 -15.98 5.40
N TRP A 291 -1.32 -16.58 5.88
CA TRP A 291 -2.64 -16.34 5.29
C TRP A 291 -3.04 -14.89 5.43
N ILE A 292 -2.90 -14.32 6.62
CA ILE A 292 -3.30 -12.93 6.83
C ILE A 292 -2.41 -11.98 6.05
N ASP A 293 -1.10 -12.24 5.99
CA ASP A 293 -0.19 -11.38 5.25
C ASP A 293 -0.51 -11.38 3.76
N ALA A 294 -0.66 -12.58 3.18
CA ALA A 294 -0.94 -12.67 1.74
C ALA A 294 -2.32 -12.13 1.42
N GLY A 295 -3.31 -12.33 2.30
CA GLY A 295 -4.63 -11.78 2.05
C GLY A 295 -4.66 -10.27 2.07
N THR A 296 -4.00 -9.66 3.05
CA THR A 296 -4.06 -8.21 3.16
C THR A 296 -3.06 -7.49 2.27
N GLN A 297 -2.05 -8.19 1.75
CA GLN A 297 -1.18 -7.58 0.75
C GLN A 297 -1.95 -7.26 -0.53
N ILE A 298 -2.87 -8.15 -0.92
CA ILE A 298 -3.70 -7.90 -2.09
C ILE A 298 -4.57 -6.67 -1.87
N PHE A 299 -5.16 -6.54 -0.68
CA PHE A 299 -5.99 -5.38 -0.38
C PHE A 299 -5.17 -4.09 -0.37
N PHE A 300 -3.96 -4.14 0.20
CA PHE A 300 -3.11 -2.96 0.20
C PHE A 300 -2.70 -2.56 -1.21
N SER A 301 -2.33 -3.54 -2.04
CA SER A 301 -1.79 -3.23 -3.36
C SER A 301 -2.87 -2.78 -4.35
N TYR A 302 -4.13 -3.14 -4.12
CA TYR A 302 -5.22 -2.74 -5.00
C TYR A 302 -5.93 -1.47 -4.54
N ALA A 303 -5.49 -0.88 -3.43
CA ALA A 303 -6.00 0.40 -2.95
C ALA A 303 -7.51 0.38 -2.74
N ILE A 304 -8.02 -0.72 -2.20
CA ILE A 304 -9.42 -0.84 -1.87
C ILE A 304 -9.59 -0.59 -0.37
N CYS A 305 -10.84 -0.40 0.05
CA CYS A 305 -11.17 0.00 1.42
C CYS A 305 -10.53 1.33 1.78
N LEU A 306 -10.37 2.22 0.80
CA LEU A 306 -9.73 3.52 1.00
C LEU A 306 -10.58 4.70 0.58
N GLY A 307 -11.63 4.50 -0.22
CA GLY A 307 -12.41 5.60 -0.74
C GLY A 307 -11.82 6.28 -1.95
N ALA A 308 -10.71 5.76 -2.48
CA ALA A 308 -10.06 6.36 -3.64
C ALA A 308 -10.60 5.82 -4.96
N MET A 309 -10.86 4.51 -5.03
CA MET A 309 -11.42 3.93 -6.24
C MET A 309 -12.84 4.43 -6.50
N THR A 310 -13.62 4.61 -5.44
CA THR A 310 -14.96 5.18 -5.59
C THR A 310 -14.89 6.59 -6.16
N SER A 311 -13.96 7.40 -5.64
CA SER A 311 -13.80 8.76 -6.14
C SER A 311 -13.34 8.76 -7.59
N LEU A 312 -12.41 7.86 -7.94
CA LEU A 312 -11.95 7.78 -9.32
C LEU A 312 -13.07 7.37 -10.26
N GLY A 313 -13.91 6.42 -9.85
CA GLY A 313 -15.02 5.99 -10.68
C GLY A 313 -16.15 6.98 -10.75
N SER A 314 -16.28 7.88 -9.77
CA SER A 314 -17.35 8.87 -9.79
C SER A 314 -17.24 9.82 -10.98
N TYR A 315 -16.06 9.95 -11.58
CA TYR A 315 -15.86 10.84 -12.72
C TYR A 315 -16.14 10.18 -14.06
N ASN A 316 -16.50 8.89 -14.07
CA ASN A 316 -16.76 8.19 -15.32
C ASN A 316 -18.13 8.57 -15.87
N LYS A 317 -18.30 8.33 -17.17
CA LYS A 317 -19.61 8.47 -17.79
C LYS A 317 -20.52 7.33 -17.36
N TYR A 318 -21.83 7.58 -17.41
CA TYR A 318 -22.78 6.53 -17.06
C TYR A 318 -22.70 5.37 -18.04
N LYS A 319 -22.59 5.66 -19.33
CA LYS A 319 -22.50 4.62 -20.36
C LYS A 319 -21.02 4.45 -20.73
N TYR A 320 -20.32 3.65 -19.92
CA TYR A 320 -18.91 3.40 -20.13
C TYR A 320 -18.59 1.99 -19.65
N ASN A 321 -17.88 1.22 -20.48
CA ASN A 321 -17.53 -0.16 -20.17
C ASN A 321 -16.28 -0.17 -19.31
N SER A 322 -16.47 -0.09 -18.00
CA SER A 322 -15.38 -0.05 -17.02
C SER A 322 -15.08 -1.42 -16.42
N TYR A 323 -15.33 -2.49 -17.17
CA TYR A 323 -15.11 -3.85 -16.73
C TYR A 323 -13.85 -4.46 -17.34
N ARG A 324 -13.73 -4.37 -18.67
CA ARG A 324 -12.52 -4.83 -19.35
C ARG A 324 -11.30 -4.05 -18.91
N ASP A 325 -11.44 -2.72 -18.77
CA ASP A 325 -10.32 -1.90 -18.33
C ASP A 325 -9.87 -2.28 -16.93
N CYS A 326 -10.83 -2.52 -16.03
CA CYS A 326 -10.47 -2.93 -14.67
C CYS A 326 -9.74 -4.27 -14.68
N MET A 327 -10.22 -5.21 -15.48
CA MET A 327 -9.55 -6.51 -15.56
C MET A 327 -8.12 -6.37 -16.08
N LEU A 328 -7.94 -5.56 -17.12
CA LEU A 328 -6.59 -5.36 -17.67
C LEU A 328 -5.67 -4.67 -16.68
N LEU A 329 -6.19 -3.69 -15.93
CA LEU A 329 -5.37 -3.01 -14.94
C LEU A 329 -4.97 -3.93 -13.79
N GLY A 330 -5.89 -4.79 -13.35
CA GLY A 330 -5.53 -5.78 -12.35
C GLY A 330 -4.47 -6.75 -12.85
N CYS A 331 -4.60 -7.17 -14.12
CA CYS A 331 -3.57 -7.98 -14.74
C CYS A 331 -2.21 -7.29 -14.70
N LEU A 332 -2.18 -6.00 -15.06
CA LEU A 332 -0.93 -5.25 -15.07
C LEU A 332 -0.32 -5.19 -13.67
N ASN A 333 -1.14 -4.91 -12.65
CA ASN A 333 -0.62 -4.81 -11.29
C ASN A 333 -0.01 -6.13 -10.82
N SER A 334 -0.78 -7.22 -10.98
CA SER A 334 -0.28 -8.52 -10.53
C SER A 334 0.97 -8.94 -11.30
N GLY A 335 0.99 -8.69 -12.61
CA GLY A 335 2.16 -9.03 -13.40
C GLY A 335 3.38 -8.24 -12.99
N THR A 336 3.21 -6.95 -12.69
CA THR A 336 4.33 -6.14 -12.23
C THR A 336 4.93 -6.69 -10.94
N SER A 337 4.06 -7.03 -9.98
CA SER A 337 4.56 -7.60 -8.72
C SER A 337 5.29 -8.91 -8.95
N PHE A 338 4.69 -9.80 -9.76
CA PHE A 338 5.28 -11.11 -10.00
C PHE A 338 6.62 -10.99 -10.71
N VAL A 339 6.74 -10.05 -11.65
CA VAL A 339 7.99 -9.89 -12.38
C VAL A 339 9.08 -9.30 -11.47
N SER A 340 8.73 -8.31 -10.64
CA SER A 340 9.72 -7.73 -9.75
C SER A 340 10.25 -8.75 -8.75
N GLY A 341 9.39 -9.67 -8.32
CA GLY A 341 9.85 -10.72 -7.40
C GLY A 341 11.00 -11.53 -7.97
N PHE A 342 10.93 -11.86 -9.27
CA PHE A 342 11.99 -12.64 -9.90
C PHE A 342 13.34 -11.96 -9.78
N ALA A 343 13.39 -10.67 -10.12
CA ALA A 343 14.65 -9.94 -10.06
C ALA A 343 15.19 -9.85 -8.64
N ILE A 344 14.32 -9.49 -7.69
CA ILE A 344 14.82 -9.30 -6.33
C ILE A 344 15.31 -10.62 -5.74
N PHE A 345 14.63 -11.73 -6.03
CA PHE A 345 15.06 -13.00 -5.49
C PHE A 345 16.28 -13.55 -6.21
N SER A 346 16.47 -13.24 -7.50
CA SER A 346 17.71 -13.58 -8.17
C SER A 346 18.89 -12.85 -7.53
N ILE A 347 18.72 -11.56 -7.21
CA ILE A 347 19.79 -10.82 -6.55
C ILE A 347 20.08 -11.42 -5.17
N LEU A 348 19.02 -11.77 -4.43
CA LEU A 348 19.21 -12.39 -3.11
C LEU A 348 19.96 -13.71 -3.23
N GLY A 349 19.62 -14.54 -4.21
CA GLY A 349 20.32 -15.79 -4.39
C GLY A 349 21.79 -15.60 -4.74
N PHE A 350 22.09 -14.61 -5.59
CA PHE A 350 23.48 -14.31 -5.89
C PHE A 350 24.24 -13.87 -4.65
N MET A 351 23.63 -13.00 -3.83
CA MET A 351 24.30 -12.56 -2.61
C MET A 351 24.53 -13.73 -1.65
N ALA A 352 23.55 -14.62 -1.52
CA ALA A 352 23.70 -15.78 -0.65
C ALA A 352 24.83 -16.68 -1.13
N GLN A 353 24.92 -16.90 -2.44
CA GLN A 353 26.00 -17.73 -2.97
C GLN A 353 27.35 -17.07 -2.74
N GLU A 354 27.43 -15.75 -2.93
CA GLU A 354 28.71 -15.05 -2.81
C GLU A 354 29.21 -15.05 -1.36
N GLN A 355 28.34 -14.68 -0.42
CA GLN A 355 28.78 -14.57 0.97
C GLN A 355 29.02 -15.93 1.61
N GLY A 356 28.33 -16.97 1.15
CA GLY A 356 28.53 -18.30 1.68
C GLY A 356 27.62 -18.63 2.85
N VAL A 357 26.40 -18.10 2.82
CA VAL A 357 25.40 -18.33 3.85
C VAL A 357 24.07 -18.65 3.17
N ASP A 358 23.03 -18.83 3.99
CA ASP A 358 21.73 -19.21 3.46
C ASP A 358 20.98 -18.00 2.91
N ILE A 359 20.02 -18.28 2.02
CA ILE A 359 19.22 -17.22 1.43
C ILE A 359 18.29 -16.58 2.45
N ALA A 360 18.00 -17.27 3.55
CA ALA A 360 17.14 -16.72 4.58
C ALA A 360 17.88 -15.84 5.59
N ASP A 361 19.20 -15.73 5.47
CA ASP A 361 20.03 -14.99 6.41
C ASP A 361 20.96 -14.02 5.70
N VAL A 362 20.48 -13.36 4.65
CA VAL A 362 21.30 -12.42 3.91
C VAL A 362 20.78 -10.98 3.98
N ALA A 363 19.53 -10.76 4.36
CA ALA A 363 18.95 -9.43 4.27
C ALA A 363 18.18 -9.14 5.57
N GLU A 364 17.42 -8.05 5.55
CA GLU A 364 16.77 -7.56 6.76
C GLU A 364 15.60 -8.43 7.19
N SER A 365 14.87 -9.01 6.23
CA SER A 365 13.59 -9.68 6.50
C SER A 365 12.57 -8.71 7.09
N GLY A 366 12.66 -7.45 6.67
CA GLY A 366 11.75 -6.41 7.11
C GLY A 366 11.67 -5.32 6.06
N PRO A 367 11.25 -4.12 6.45
CA PRO A 367 11.09 -3.00 5.51
C PRO A 367 12.42 -2.35 5.09
N GLY A 368 13.41 -3.18 4.77
CA GLY A 368 14.68 -2.69 4.27
C GLY A 368 15.28 -3.62 3.24
N LEU A 369 14.51 -4.63 2.82
CA LEU A 369 15.00 -5.63 1.88
C LEU A 369 15.35 -4.99 0.54
N ALA A 370 14.49 -4.10 0.04
CA ALA A 370 14.77 -3.44 -1.23
C ALA A 370 16.01 -2.55 -1.12
N PHE A 371 16.10 -1.77 -0.05
CA PHE A 371 17.24 -0.88 0.13
C PHE A 371 18.54 -1.64 0.36
N ILE A 372 18.47 -2.90 0.76
CA ILE A 372 19.68 -3.72 0.87
C ILE A 372 20.00 -4.42 -0.46
N ALA A 373 18.99 -4.86 -1.19
CA ALA A 373 19.22 -5.72 -2.36
C ALA A 373 19.52 -4.93 -3.62
N TYR A 374 18.82 -3.83 -3.86
CA TYR A 374 18.94 -3.15 -5.14
C TYR A 374 20.23 -2.34 -5.27
N PRO A 375 20.67 -1.60 -4.24
CA PRO A 375 22.00 -0.98 -4.32
C PRO A 375 23.12 -1.99 -4.55
N LYS A 376 23.03 -3.18 -3.95
CA LYS A 376 24.03 -4.21 -4.21
C LYS A 376 24.01 -4.61 -5.68
N ALA A 377 22.83 -4.63 -6.30
CA ALA A 377 22.74 -4.94 -7.72
C ALA A 377 23.38 -3.85 -8.57
N VAL A 378 23.08 -2.58 -8.26
CA VAL A 378 23.61 -1.50 -9.08
C VAL A 378 25.11 -1.30 -8.88
N THR A 379 25.67 -1.81 -7.77
CA THR A 379 27.12 -1.72 -7.61
C THR A 379 27.89 -2.63 -8.55
N MET A 380 27.21 -3.54 -9.27
CA MET A 380 27.88 -4.46 -10.17
C MET A 380 27.81 -4.05 -11.63
N MET A 381 26.86 -3.20 -12.01
CA MET A 381 26.76 -2.74 -13.37
C MET A 381 27.86 -1.74 -13.68
N PRO A 382 28.23 -1.58 -14.96
CA PRO A 382 29.16 -0.51 -15.32
C PRO A 382 28.53 0.85 -15.06
N LEU A 383 29.37 1.80 -14.65
CA LEU A 383 28.94 3.13 -14.24
C LEU A 383 27.87 3.03 -13.16
N PRO A 384 28.25 2.59 -11.95
CA PRO A 384 27.23 2.35 -10.91
C PRO A 384 26.43 3.59 -10.51
N THR A 385 27.05 4.77 -10.51
CA THR A 385 26.36 5.97 -10.06
C THR A 385 25.19 6.32 -10.97
N PHE A 386 25.38 6.19 -12.29
CA PHE A 386 24.32 6.48 -13.25
C PHE A 386 23.09 5.60 -12.99
N TRP A 387 23.32 4.29 -12.86
CA TRP A 387 22.20 3.38 -12.63
C TRP A 387 21.58 3.57 -11.26
N SER A 388 22.38 3.92 -10.24
CA SER A 388 21.83 4.21 -8.93
C SER A 388 20.90 5.42 -8.99
N ILE A 389 21.34 6.49 -9.65
CA ILE A 389 20.50 7.67 -9.79
C ILE A 389 19.22 7.33 -10.53
N LEU A 390 19.32 6.56 -11.62
CA LEU A 390 18.13 6.20 -12.38
C LEU A 390 17.17 5.35 -11.54
N PHE A 391 17.69 4.41 -10.76
CA PHE A 391 16.85 3.55 -9.95
C PHE A 391 16.10 4.35 -8.89
N PHE A 392 16.80 5.28 -8.23
CA PHE A 392 16.13 6.04 -7.18
C PHE A 392 15.16 7.05 -7.75
N ILE A 393 15.43 7.58 -8.94
CA ILE A 393 14.45 8.42 -9.63
C ILE A 393 13.20 7.61 -9.96
N MET A 394 13.38 6.36 -10.42
CA MET A 394 12.24 5.49 -10.68
C MET A 394 11.42 5.24 -9.41
N LEU A 395 12.10 4.98 -8.30
CA LEU A 395 11.40 4.74 -7.04
C LEU A 395 10.59 5.97 -6.62
N LEU A 396 11.19 7.16 -6.72
CA LEU A 396 10.48 8.38 -6.37
C LEU A 396 9.28 8.62 -7.27
N LEU A 397 9.45 8.37 -8.58
CA LEU A 397 8.35 8.55 -9.51
C LEU A 397 7.21 7.56 -9.22
N LEU A 398 7.55 6.33 -8.86
CA LEU A 398 6.52 5.35 -8.52
C LEU A 398 5.75 5.76 -7.27
N GLY A 399 6.45 6.25 -6.25
CA GLY A 399 5.80 6.64 -5.02
C GLY A 399 4.96 7.90 -5.07
N LEU A 400 5.46 8.91 -5.79
CA LEU A 400 4.85 10.24 -5.76
C LEU A 400 3.45 10.22 -6.36
N ASP A 401 3.24 9.49 -7.46
CA ASP A 401 1.92 9.44 -8.08
C ASP A 401 0.89 8.80 -7.16
N SER A 402 1.26 7.70 -6.50
CA SER A 402 0.36 7.06 -5.55
C SER A 402 0.02 8.00 -4.41
N GLN A 403 1.02 8.70 -3.87
CA GLN A 403 0.75 9.65 -2.79
C GLN A 403 -0.19 10.75 -3.26
N PHE A 404 0.04 11.28 -4.46
CA PHE A 404 -0.82 12.32 -5.01
C PHE A 404 -2.26 11.85 -5.10
N VAL A 405 -2.47 10.66 -5.66
CA VAL A 405 -3.82 10.15 -5.86
C VAL A 405 -4.52 9.93 -4.52
N GLU A 406 -3.82 9.33 -3.56
CA GLU A 406 -4.45 9.07 -2.26
C GLU A 406 -4.81 10.37 -1.53
N VAL A 407 -3.90 11.35 -1.53
CA VAL A 407 -4.20 12.59 -0.83
C VAL A 407 -5.32 13.35 -1.51
N GLU A 408 -5.34 13.35 -2.86
CA GLU A 408 -6.42 14.00 -3.58
C GLU A 408 -7.76 13.34 -3.28
N GLY A 409 -7.79 12.00 -3.25
CA GLY A 409 -9.02 11.31 -2.91
C GLY A 409 -9.50 11.63 -1.52
N GLN A 410 -8.58 11.66 -0.54
CA GLN A 410 -8.95 12.01 0.82
C GLN A 410 -9.52 13.43 0.90
N ILE A 411 -8.87 14.38 0.22
CA ILE A 411 -9.32 15.77 0.27
C ILE A 411 -10.70 15.92 -0.37
N THR A 412 -10.90 15.31 -1.54
CA THR A 412 -12.19 15.42 -2.20
C THR A 412 -13.29 14.66 -1.48
N SER A 413 -12.96 13.61 -0.72
CA SER A 413 -13.95 12.93 0.09
C SER A 413 -14.32 13.72 1.34
N LEU A 414 -13.35 14.38 1.96
CA LEU A 414 -13.63 15.19 3.14
C LEU A 414 -14.24 16.55 2.81
N VAL A 415 -14.12 17.02 1.57
CA VAL A 415 -14.70 18.30 1.18
C VAL A 415 -16.20 18.16 0.87
N ASP A 416 -16.60 17.01 0.31
CA ASP A 416 -17.99 16.83 -0.10
C ASP A 416 -18.96 16.88 1.07
N LEU A 417 -18.49 16.71 2.30
CA LEU A 417 -19.37 16.81 3.46
C LEU A 417 -19.92 18.23 3.58
N TYR A 418 -19.08 19.24 3.35
CA TYR A 418 -19.51 20.63 3.39
C TYR A 418 -19.13 21.31 2.08
N PRO A 419 -19.88 21.06 1.00
CA PRO A 419 -19.49 21.63 -0.30
C PRO A 419 -19.68 23.12 -0.39
N SER A 420 -20.37 23.74 0.58
CA SER A 420 -20.55 25.19 0.53
C SER A 420 -19.46 25.91 1.30
N PHE A 421 -19.15 25.45 2.51
CA PHE A 421 -18.16 26.14 3.35
C PHE A 421 -16.75 26.00 2.79
N LEU A 422 -16.35 24.79 2.40
CA LEU A 422 -14.98 24.51 2.00
C LEU A 422 -14.76 24.65 0.50
N ARG A 423 -15.56 25.51 -0.13
CA ARG A 423 -15.42 25.78 -1.59
C ARG A 423 -15.27 27.30 -1.81
N LYS A 424 -15.99 28.10 -1.01
CA LYS A 424 -15.93 29.58 -1.15
C LYS A 424 -15.79 30.23 0.24
N GLY A 425 -16.71 29.93 1.16
CA GLY A 425 -16.68 30.56 2.50
C GLY A 425 -15.35 30.36 3.19
N TYR A 426 -14.72 29.20 2.99
CA TYR A 426 -13.38 28.94 3.55
C TYR A 426 -12.48 28.50 2.40
N ARG A 427 -11.17 28.76 2.50
CA ARG A 427 -10.25 28.42 1.37
C ARG A 427 -10.00 26.92 1.36
N ARG A 428 -9.92 26.32 0.17
CA ARG A 428 -9.58 24.88 0.06
C ARG A 428 -8.05 24.75 0.17
N GLU A 429 -7.32 25.77 -0.29
CA GLU A 429 -5.86 25.77 -0.21
C GLU A 429 -5.39 25.77 1.24
N ILE A 430 -6.04 26.56 2.09
CA ILE A 430 -5.70 26.59 3.50
C ILE A 430 -5.99 25.24 4.16
N PHE A 431 -7.11 24.61 3.78
CA PHE A 431 -7.43 23.29 4.31
C PHE A 431 -6.36 22.27 3.90
N ILE A 432 -5.93 22.31 2.64
CA ILE A 432 -4.89 21.38 2.18
C ILE A 432 -3.58 21.63 2.92
N ALA A 433 -3.22 22.90 3.12
CA ALA A 433 -1.99 23.22 3.84
C ALA A 433 -2.05 22.73 5.27
N PHE A 434 -3.20 22.89 5.93
CA PHE A 434 -3.34 22.40 7.31
C PHE A 434 -3.22 20.89 7.36
N VAL A 435 -3.85 20.18 6.42
CA VAL A 435 -3.76 18.72 6.40
C VAL A 435 -2.31 18.28 6.20
N CYS A 436 -1.61 18.91 5.25
CA CYS A 436 -0.22 18.55 4.99
C CYS A 436 0.67 18.82 6.21
N SER A 437 0.46 19.97 6.88
CA SER A 437 1.27 20.30 8.04
C SER A 437 1.04 19.31 9.17
N ILE A 438 -0.22 18.95 9.43
CA ILE A 438 -0.51 17.99 10.49
C ILE A 438 0.07 16.63 10.16
N SER A 439 -0.03 16.21 8.90
CA SER A 439 0.53 14.92 8.50
C SER A 439 2.05 14.91 8.66
N TYR A 440 2.71 16.01 8.29
CA TYR A 440 4.17 16.10 8.45
C TYR A 440 4.57 16.05 9.92
N LEU A 441 3.85 16.79 10.77
CA LEU A 441 4.17 16.79 12.19
C LEU A 441 3.98 15.40 12.79
N LEU A 442 2.93 14.69 12.37
CA LEU A 442 2.71 13.34 12.87
C LEU A 442 3.78 12.37 12.36
N GLY A 443 4.17 12.51 11.09
CA GLY A 443 5.20 11.66 10.53
C GLY A 443 6.60 11.95 11.03
N LEU A 444 6.80 13.08 11.70
CA LEU A 444 8.08 13.35 12.33
C LEU A 444 8.44 12.33 13.40
N THR A 445 7.47 11.56 13.89
CA THR A 445 7.74 10.56 14.92
C THR A 445 8.56 9.38 14.41
N MET A 446 8.54 9.12 13.11
CA MET A 446 9.29 8.01 12.52
C MET A 446 10.65 8.42 12.00
N VAL A 447 11.06 9.68 12.21
CA VAL A 447 12.35 10.15 11.71
C VAL A 447 13.44 10.08 12.77
N THR A 448 13.07 10.03 14.06
CA THR A 448 14.05 9.96 15.14
C THR A 448 14.87 8.68 15.08
N GLU A 449 15.84 8.54 15.99
CA GLU A 449 16.72 7.38 15.97
C GLU A 449 15.98 6.08 16.24
N GLY A 450 14.82 6.15 16.89
CA GLY A 450 14.02 4.96 17.15
C GLY A 450 12.71 4.96 16.41
N GLY A 451 12.72 5.45 15.17
CA GLY A 451 11.52 5.55 14.37
C GLY A 451 11.20 4.35 13.50
N MET A 452 12.15 3.43 13.32
CA MET A 452 11.88 2.22 12.55
C MET A 452 10.85 1.35 13.25
N TYR A 453 10.90 1.28 14.57
CA TYR A 453 9.90 0.50 15.31
C TYR A 453 8.51 1.09 15.15
N VAL A 454 8.40 2.43 15.20
CA VAL A 454 7.11 3.08 14.99
C VAL A 454 6.63 2.84 13.56
N PHE A 455 7.54 2.90 12.59
CA PHE A 455 7.16 2.63 11.20
C PHE A 455 6.65 1.21 11.04
N GLN A 456 7.31 0.24 11.67
CA GLN A 456 6.85 -1.15 11.59
C GLN A 456 5.49 -1.33 12.25
N LEU A 457 5.28 -0.68 13.41
CA LEU A 457 3.98 -0.74 14.05
C LEU A 457 2.89 -0.19 13.16
N PHE A 458 3.15 0.97 12.54
CA PHE A 458 2.17 1.57 11.64
C PHE A 458 1.89 0.67 10.45
N ASP A 459 2.95 0.10 9.86
CA ASP A 459 2.78 -0.77 8.70
C ASP A 459 1.96 -2.01 9.05
N TYR A 460 2.19 -2.58 10.23
CA TYR A 460 1.48 -3.80 10.59
C TYR A 460 0.02 -3.53 10.96
N TYR A 461 -0.24 -2.47 11.72
CA TYR A 461 -1.56 -2.28 12.30
C TYR A 461 -2.43 -1.28 11.55
N ALA A 462 -1.88 -0.14 11.15
CA ALA A 462 -2.67 0.87 10.45
C ALA A 462 -2.69 0.57 8.96
N ALA A 463 -3.88 0.72 8.36
CA ALA A 463 -4.08 0.59 6.92
C ALA A 463 -3.70 -0.80 6.41
N SER A 464 -3.82 -1.82 7.25
CA SER A 464 -3.55 -3.19 6.84
C SER A 464 -4.02 -4.14 7.93
N GLY A 465 -4.53 -5.28 7.51
CA GLY A 465 -4.83 -6.38 8.42
C GLY A 465 -6.31 -6.44 8.79
N VAL A 466 -6.59 -6.44 10.09
CA VAL A 466 -7.94 -6.69 10.58
C VAL A 466 -8.89 -5.58 10.16
N CYS A 467 -8.40 -4.34 10.11
CA CYS A 467 -9.25 -3.23 9.67
C CYS A 467 -9.65 -3.37 8.21
N LEU A 468 -8.71 -3.78 7.36
CA LEU A 468 -9.03 -3.99 5.94
C LEU A 468 -10.01 -5.13 5.78
N LEU A 469 -9.81 -6.23 6.52
CA LEU A 469 -10.75 -7.34 6.44
C LEU A 469 -12.14 -6.91 6.91
N TRP A 470 -12.20 -6.13 8.00
CA TRP A 470 -13.47 -5.63 8.53
C TRP A 470 -14.21 -4.81 7.49
N VAL A 471 -13.54 -3.83 6.88
CA VAL A 471 -14.19 -2.96 5.91
C VAL A 471 -14.62 -3.74 4.68
N ALA A 472 -13.76 -4.62 4.16
CA ALA A 472 -14.12 -5.39 2.97
C ALA A 472 -15.30 -6.32 3.25
N PHE A 473 -15.30 -6.99 4.41
CA PHE A 473 -16.41 -7.86 4.76
C PHE A 473 -17.71 -7.09 4.84
N PHE A 474 -17.70 -5.92 5.48
CA PHE A 474 -18.94 -5.17 5.60
C PHE A 474 -19.43 -4.65 4.26
N GLU A 475 -18.52 -4.17 3.41
CA GLU A 475 -18.92 -3.74 2.07
C GLU A 475 -19.59 -4.88 1.30
N CYS A 476 -18.92 -6.03 1.24
CA CYS A 476 -19.46 -7.16 0.49
C CYS A 476 -20.77 -7.66 1.08
N PHE A 477 -20.85 -7.77 2.41
CA PHE A 477 -22.07 -8.26 3.05
C PHE A 477 -23.24 -7.32 2.77
N VAL A 478 -23.03 -6.02 2.93
CA VAL A 478 -24.11 -5.07 2.68
C VAL A 478 -24.58 -5.19 1.23
N ILE A 479 -23.65 -5.13 0.28
CA ILE A 479 -24.04 -5.12 -1.13
C ILE A 479 -24.76 -6.42 -1.49
N ALA A 480 -24.25 -7.56 -1.01
CA ALA A 480 -24.82 -8.85 -1.42
C ALA A 480 -26.12 -9.17 -0.72
N TRP A 481 -26.32 -8.76 0.53
CA TRP A 481 -27.42 -9.27 1.33
C TRP A 481 -28.43 -8.22 1.78
N ILE A 482 -28.25 -6.93 1.44
CA ILE A 482 -29.21 -5.89 1.77
C ILE A 482 -29.67 -5.15 0.53
N TYR A 483 -28.74 -4.76 -0.34
CA TYR A 483 -29.10 -4.09 -1.58
C TYR A 483 -29.60 -5.10 -2.61
N GLY A 484 -28.80 -6.14 -2.87
CA GLY A 484 -29.18 -7.16 -3.83
C GLY A 484 -28.19 -7.35 -4.96
N GLY A 485 -27.67 -8.57 -5.08
CA GLY A 485 -26.74 -8.85 -6.17
C GLY A 485 -27.37 -8.66 -7.54
N ASP A 486 -28.58 -9.20 -7.72
CA ASP A 486 -29.27 -9.01 -9.01
C ASP A 486 -29.72 -7.57 -9.20
N ASN A 487 -30.06 -6.87 -8.11
CA ASN A 487 -30.42 -5.46 -8.22
C ASN A 487 -29.24 -4.64 -8.72
N LEU A 488 -28.03 -4.93 -8.22
CA LEU A 488 -26.84 -4.26 -8.74
C LEU A 488 -26.50 -4.72 -10.14
N TYR A 489 -26.77 -6.00 -10.46
CA TYR A 489 -26.48 -6.51 -11.79
C TYR A 489 -27.35 -5.85 -12.84
N ASP A 490 -28.58 -5.50 -12.50
CA ASP A 490 -29.44 -4.76 -13.43
C ASP A 490 -28.82 -3.41 -13.79
N GLY A 491 -28.33 -2.68 -12.79
CA GLY A 491 -27.68 -1.40 -13.06
C GLY A 491 -26.39 -1.57 -13.84
N ILE A 492 -25.62 -2.62 -13.54
CA ILE A 492 -24.39 -2.87 -14.29
C ILE A 492 -24.70 -3.16 -15.75
N GLU A 493 -25.74 -3.97 -16.00
CA GLU A 493 -26.16 -4.26 -17.37
C GLU A 493 -26.63 -2.99 -18.07
N ASP A 494 -27.34 -2.12 -17.35
CA ASP A 494 -27.79 -0.86 -17.94
C ASP A 494 -26.61 0.04 -18.30
N MET A 495 -25.57 0.04 -17.47
CA MET A 495 -24.45 0.96 -17.66
C MET A 495 -23.47 0.46 -18.71
N ILE A 496 -22.99 -0.78 -18.59
CA ILE A 496 -21.96 -1.28 -19.49
C ILE A 496 -22.52 -1.88 -20.78
N GLY A 497 -23.79 -2.31 -20.78
CA GLY A 497 -24.47 -2.76 -21.97
C GLY A 497 -24.79 -4.25 -21.99
N TYR A 498 -24.04 -5.06 -21.24
CA TYR A 498 -24.24 -6.50 -21.22
C TYR A 498 -24.20 -7.02 -19.80
N ARG A 499 -24.86 -8.15 -19.58
CA ARG A 499 -24.91 -8.75 -18.25
C ARG A 499 -23.65 -9.56 -18.00
N PRO A 500 -22.92 -9.30 -16.92
CA PRO A 500 -21.72 -10.10 -16.62
C PRO A 500 -22.07 -11.51 -16.16
N GLY A 501 -21.05 -12.31 -15.84
CA GLY A 501 -21.28 -13.64 -15.34
C GLY A 501 -21.52 -13.66 -13.84
N PRO A 502 -21.73 -14.86 -13.30
CA PRO A 502 -22.01 -15.00 -11.87
C PRO A 502 -20.78 -14.95 -10.98
N TRP A 503 -19.58 -14.72 -11.54
CA TRP A 503 -18.36 -14.75 -10.73
C TRP A 503 -18.37 -13.64 -9.68
N MET A 504 -18.67 -12.40 -10.10
CA MET A 504 -18.72 -11.30 -9.16
C MET A 504 -19.78 -11.49 -8.11
N LYS A 505 -20.97 -11.96 -8.51
CA LYS A 505 -22.06 -12.16 -7.56
C LYS A 505 -21.68 -13.21 -6.52
N TYR A 506 -21.11 -14.33 -6.95
CA TYR A 506 -20.70 -15.36 -6.01
C TYR A 506 -19.59 -14.87 -5.10
N SER A 507 -18.63 -14.12 -5.64
CA SER A 507 -17.53 -13.61 -4.82
C SER A 507 -18.05 -12.66 -3.75
N TRP A 508 -19.00 -11.79 -4.10
CA TRP A 508 -19.58 -10.90 -3.10
C TRP A 508 -20.41 -11.66 -2.08
N ALA A 509 -21.18 -12.65 -2.53
CA ALA A 509 -22.13 -13.31 -1.64
C ALA A 509 -21.45 -14.27 -0.66
N VAL A 510 -20.49 -15.07 -1.13
CA VAL A 510 -20.01 -16.19 -0.31
C VAL A 510 -18.50 -16.12 -0.08
N ILE A 511 -17.72 -16.05 -1.16
CA ILE A 511 -16.29 -16.31 -1.07
C ILE A 511 -15.60 -15.27 -0.19
N THR A 512 -15.86 -13.98 -0.44
CA THR A 512 -15.15 -12.95 0.32
C THR A 512 -15.51 -12.96 1.81
N PRO A 513 -16.78 -12.98 2.22
CA PRO A 513 -17.07 -13.01 3.67
C PRO A 513 -16.48 -14.22 4.36
N VAL A 514 -16.53 -15.39 3.73
CA VAL A 514 -15.99 -16.60 4.35
C VAL A 514 -14.49 -16.46 4.54
N LEU A 515 -13.79 -15.98 3.52
CA LEU A 515 -12.34 -15.80 3.63
C LEU A 515 -11.99 -14.81 4.73
N CYS A 516 -12.69 -13.68 4.78
CA CYS A 516 -12.38 -12.65 5.78
C CYS A 516 -12.64 -13.15 7.19
N VAL A 517 -13.81 -13.74 7.42
CA VAL A 517 -14.15 -14.22 8.77
C VAL A 517 -13.21 -15.35 9.19
N GLY A 518 -12.92 -16.27 8.27
CA GLY A 518 -12.03 -17.37 8.60
C GLY A 518 -10.62 -16.90 8.94
N CYS A 519 -10.09 -15.96 8.16
CA CYS A 519 -8.76 -15.44 8.45
C CYS A 519 -8.74 -14.71 9.78
N PHE A 520 -9.77 -13.91 10.07
CA PHE A 520 -9.81 -13.20 11.34
C PHE A 520 -9.84 -14.17 12.52
N ILE A 521 -10.72 -15.17 12.44
CA ILE A 521 -10.84 -16.12 13.54
C ILE A 521 -9.58 -16.96 13.69
N PHE A 522 -8.98 -17.37 12.57
CA PHE A 522 -7.75 -18.14 12.64
C PHE A 522 -6.61 -17.34 13.27
N SER A 523 -6.51 -16.06 12.92
CA SER A 523 -5.49 -15.21 13.54
C SER A 523 -5.74 -15.02 15.02
N LEU A 524 -7.01 -14.87 15.41
CA LEU A 524 -7.31 -14.63 16.83
C LEU A 524 -7.09 -15.88 17.67
N VAL A 525 -7.41 -17.06 17.14
CA VAL A 525 -7.34 -18.29 17.93
C VAL A 525 -5.88 -18.62 18.25
N LYS A 526 -5.01 -18.58 17.26
CA LYS A 526 -3.58 -18.83 17.45
C LYS A 526 -2.86 -17.50 17.32
N TYR A 527 -2.57 -16.88 18.47
CA TYR A 527 -2.04 -15.53 18.52
C TYR A 527 -0.52 -15.56 18.67
N VAL A 528 0.16 -14.78 17.83
CA VAL A 528 1.62 -14.61 17.93
C VAL A 528 1.92 -13.11 17.91
N PRO A 529 2.71 -12.61 18.85
CA PRO A 529 2.98 -11.17 18.89
C PRO A 529 3.85 -10.71 17.72
N LEU A 530 3.72 -9.43 17.39
CA LEU A 530 4.51 -8.84 16.33
C LEU A 530 5.96 -8.65 16.77
N THR A 531 6.89 -8.88 15.84
CA THR A 531 8.30 -8.70 16.08
C THR A 531 8.92 -7.90 14.95
N TYR A 532 10.09 -7.33 15.22
CA TYR A 532 10.87 -6.62 14.20
C TYR A 532 12.14 -7.41 13.93
N ASN A 533 12.34 -7.78 12.66
CA ASN A 533 13.50 -8.55 12.23
C ASN A 533 13.62 -9.85 13.02
N LYS A 534 12.48 -10.45 13.34
CA LYS A 534 12.35 -11.75 13.99
C LYS A 534 13.16 -11.89 15.28
N THR A 535 13.63 -10.77 15.81
CA THR A 535 14.39 -10.80 17.07
C THR A 535 13.86 -9.84 18.11
N TYR A 536 13.44 -8.64 17.72
CA TYR A 536 12.99 -7.64 18.66
C TYR A 536 11.56 -7.92 19.10
N VAL A 537 11.31 -7.85 20.40
CA VAL A 537 10.00 -8.06 20.98
C VAL A 537 9.47 -6.73 21.51
N TYR A 538 8.27 -6.35 21.08
CA TYR A 538 7.67 -5.10 21.50
C TYR A 538 7.13 -5.20 22.92
N PRO A 539 7.12 -4.09 23.65
CA PRO A 539 6.47 -4.08 24.97
C PRO A 539 4.95 -4.11 24.83
N ASN A 540 4.28 -4.33 25.96
CA ASN A 540 2.83 -4.49 25.95
C ASN A 540 2.13 -3.20 25.52
N TRP A 541 2.61 -2.05 25.99
CA TRP A 541 1.95 -0.79 25.63
C TRP A 541 2.07 -0.49 24.16
N ALA A 542 3.15 -0.94 23.51
CA ALA A 542 3.27 -0.77 22.05
C ALA A 542 2.21 -1.58 21.32
N ILE A 543 1.96 -2.81 21.77
CA ILE A 543 0.90 -3.63 21.17
C ILE A 543 -0.47 -3.00 21.42
N GLY A 544 -0.68 -2.44 22.62
CA GLY A 544 -1.92 -1.74 22.87
C GLY A 544 -2.11 -0.53 21.97
N LEU A 545 -1.04 0.22 21.73
CA LEU A 545 -1.11 1.36 20.82
C LEU A 545 -1.41 0.91 19.40
N GLY A 546 -0.80 -0.18 18.96
CA GLY A 546 -1.09 -0.71 17.64
C GLY A 546 -2.53 -1.15 17.50
N TRP A 547 -3.07 -1.82 18.52
CA TRP A 547 -4.46 -2.23 18.48
C TRP A 547 -5.40 -1.03 18.53
N SER A 548 -5.02 0.04 19.25
CA SER A 548 -5.81 1.27 19.20
C SER A 548 -5.80 1.88 17.80
N LEU A 549 -4.64 1.87 17.15
CA LEU A 549 -4.56 2.34 15.76
C LEU A 549 -5.47 1.53 14.86
N ALA A 550 -5.50 0.21 15.05
CA ALA A 550 -6.39 -0.64 14.26
C ALA A 550 -7.86 -0.33 14.55
N LEU A 551 -8.21 -0.16 15.82
CA LEU A 551 -9.59 0.00 16.23
C LEU A 551 -10.16 1.39 15.92
N SER A 552 -9.29 2.40 15.75
CA SER A 552 -9.77 3.75 15.47
C SER A 552 -10.67 3.79 14.25
N SER A 553 -10.40 2.95 13.24
CA SER A 553 -11.25 2.88 12.06
C SER A 553 -12.32 1.81 12.18
N MET A 554 -12.02 0.69 12.85
CA MET A 554 -12.99 -0.38 13.01
C MET A 554 -14.18 0.02 13.87
N LEU A 555 -14.03 1.03 14.73
CA LEU A 555 -15.10 1.44 15.63
C LEU A 555 -16.11 2.35 14.97
N CYS A 556 -15.91 2.75 13.71
CA CYS A 556 -16.76 3.75 13.09
C CYS A 556 -18.12 3.21 12.66
N VAL A 557 -18.24 1.91 12.39
CA VAL A 557 -19.49 1.35 11.88
C VAL A 557 -20.54 1.26 12.98
N PRO A 558 -20.29 0.58 14.11
CA PRO A 558 -21.34 0.52 15.15
C PRO A 558 -21.71 1.88 15.72
N LEU A 559 -20.74 2.80 15.82
CA LEU A 559 -21.06 4.13 16.34
C LEU A 559 -22.01 4.88 15.42
N VAL A 560 -21.76 4.84 14.11
CA VAL A 560 -22.65 5.50 13.16
C VAL A 560 -24.02 4.81 13.17
N ILE A 561 -24.04 3.48 13.30
CA ILE A 561 -25.32 2.77 13.38
C ILE A 561 -26.12 3.24 14.57
N VAL A 562 -25.46 3.34 15.74
CA VAL A 562 -26.14 3.77 16.96
C VAL A 562 -26.66 5.20 16.82
N ILE A 563 -25.83 6.08 16.27
CA ILE A 563 -26.23 7.49 16.13
C ILE A 563 -27.41 7.62 15.17
N ARG A 564 -27.37 6.90 14.05
CA ARG A 564 -28.48 6.94 13.10
C ARG A 564 -29.76 6.40 13.73
N LEU A 565 -29.65 5.31 14.51
CA LEU A 565 -30.82 4.78 15.19
C LEU A 565 -31.38 5.77 16.22
N CYS A 566 -30.50 6.46 16.94
CA CYS A 566 -30.94 7.43 17.94
C CYS A 566 -31.48 8.72 17.34
N GLN A 567 -31.15 9.03 16.09
CA GLN A 567 -31.64 10.24 15.44
C GLN A 567 -32.98 10.05 14.73
N THR A 568 -33.55 8.85 14.77
CA THR A 568 -34.79 8.55 14.10
C THR A 568 -35.94 8.50 15.12
N GLU A 569 -37.16 8.74 14.63
CA GLU A 569 -38.34 8.78 15.46
C GLU A 569 -39.27 7.62 15.12
N GLY A 570 -39.79 6.95 16.14
CA GLY A 570 -40.74 5.88 15.95
C GLY A 570 -40.33 4.58 16.60
N PRO A 571 -41.10 3.52 16.35
CA PRO A 571 -40.73 2.21 16.89
C PRO A 571 -39.45 1.68 16.25
N PHE A 572 -38.80 0.77 16.98
CA PHE A 572 -37.48 0.29 16.59
C PHE A 572 -37.50 -0.37 15.21
N LEU A 573 -38.48 -1.24 14.96
CA LEU A 573 -38.57 -1.91 13.67
C LEU A 573 -38.83 -0.91 12.55
N VAL A 574 -39.67 0.09 12.82
CA VAL A 574 -39.93 1.13 11.83
C VAL A 574 -38.65 1.89 11.50
N ARG A 575 -37.87 2.23 12.53
CA ARG A 575 -36.60 2.92 12.29
C ARG A 575 -35.64 2.07 11.47
N VAL A 576 -35.55 0.76 11.79
CA VAL A 576 -34.65 -0.12 11.05
C VAL A 576 -35.08 -0.22 9.59
N LYS A 577 -36.39 -0.39 9.35
CA LYS A 577 -36.87 -0.49 7.98
C LYS A 577 -36.65 0.80 7.22
N TYR A 578 -36.71 1.95 7.90
CA TYR A 578 -36.53 3.26 7.23
C TYR A 578 -35.06 3.48 6.84
N LEU A 579 -34.11 2.92 7.59
CA LEU A 579 -32.67 3.22 7.35
C LEU A 579 -32.00 2.14 6.50
N LEU A 580 -32.71 1.07 6.16
CA LEU A 580 -32.14 0.01 5.29
C LEU A 580 -32.61 0.24 3.84
N THR A 581 -33.44 1.25 3.62
CA THR A 581 -33.99 1.51 2.26
C THR A 581 -33.08 2.48 1.50
N PRO A 582 -32.52 2.08 0.34
CA PRO A 582 -31.61 2.94 -0.41
C PRO A 582 -32.33 4.23 -0.82
N ARG A 583 -31.71 5.39 -0.56
CA ARG A 583 -32.35 6.69 -0.89
C ARG A 583 -32.16 6.98 -2.38
N GLU A 584 -32.85 6.24 -3.25
CA GLU A 584 -32.80 6.47 -4.71
C GLU A 584 -31.36 6.48 -5.22
N PRO A 585 -30.64 5.33 -5.25
CA PRO A 585 -29.31 5.28 -5.82
C PRO A 585 -29.48 5.76 -7.26
N ASN A 586 -28.89 6.90 -7.62
CA ASN A 586 -29.14 7.45 -8.98
C ASN A 586 -28.81 6.39 -10.03
N ARG A 587 -29.81 6.02 -10.84
CA ARG A 587 -29.58 5.03 -11.93
C ARG A 587 -29.32 5.78 -13.24
C1 TAU B . -1.45 1.82 -2.11
C2 TAU B . -1.42 1.67 -3.64
N1 TAU B . -0.85 3.08 -1.73
S TAU B . 0.21 1.04 -4.15
O1 TAU B . 0.05 -0.21 -4.97
O2 TAU B . 1.00 2.08 -4.89
O3 TAU B . 1.10 0.80 -2.96
C27 R16 C . -1.38 9.00 16.71
C28 R16 C . -0.27 8.47 17.61
C29 R16 C . 0.94 7.99 16.83
C30 R16 C . 2.02 7.37 17.72
C31 R16 C . 2.70 8.38 18.63
C32 R16 C . 3.25 7.75 19.91
C33 R16 C . 4.25 6.64 19.64
C34 R16 C . 5.63 7.15 19.24
C35 R16 C . 6.49 7.54 20.43
C36 R16 C . 7.00 6.34 21.23
C37 R16 C . 8.09 6.70 22.23
C38 R16 C . 7.65 7.76 23.23
C39 R16 C . 8.62 7.93 24.39
C40 R16 C . 8.78 6.66 25.21
C41 R16 C . 9.47 6.88 26.55
C42 R16 C . 10.83 7.54 26.42
C27 R16 D . -15.58 22.89 9.47
C28 R16 D . -15.47 21.44 9.90
C29 R16 D . -14.47 20.65 9.06
C30 R16 D . -14.48 19.15 9.36
C31 R16 D . -13.61 18.34 8.41
C32 R16 D . -12.12 18.58 8.60
C33 R16 D . -11.59 18.08 9.93
C34 R16 D . -10.13 18.44 10.20
C35 R16 D . -9.15 17.69 9.31
C36 R16 D . -9.21 16.17 9.48
C37 R16 D . -8.11 15.44 8.75
C38 R16 D . -6.79 15.38 9.51
C39 R16 D . -5.64 14.81 8.69
C40 R16 D . -4.54 14.21 9.55
C41 R16 D . -5.03 13.06 10.43
C42 R16 D . -3.89 12.20 10.97
C27 R16 E . -20.04 15.24 9.72
C28 R16 E . -19.47 15.60 11.07
C29 R16 E . -18.16 14.92 11.39
C30 R16 E . -17.00 15.47 10.61
C31 R16 E . -15.68 14.81 10.91
C32 R16 E . -15.55 13.45 10.31
C33 R16 E . -14.23 12.79 10.54
C34 R16 E . -13.04 13.51 9.98
C35 R16 E . -11.90 12.56 9.69
C36 R16 E . -11.27 11.93 10.90
C37 R16 E . -9.96 11.27 10.59
C38 R16 E . -8.95 11.49 11.66
C39 R16 E . -7.59 10.90 11.34
C40 R16 E . -7.31 9.56 11.97
C41 R16 E . -7.35 9.59 13.46
C42 R16 E . -7.23 8.23 14.08
C27 R16 F . -18.28 -18.45 -13.25
C28 R16 F . -17.52 -19.20 -12.18
C29 R16 F . -16.67 -18.33 -11.31
C30 R16 F . -16.04 -19.07 -10.15
C31 R16 F . -14.91 -18.33 -9.49
C32 R16 F . -14.12 -19.10 -8.46
C33 R16 F . -12.84 -18.40 -8.09
C34 R16 F . -11.91 -19.19 -7.23
C35 R16 F . -10.48 -18.71 -7.30
C36 R16 F . -9.46 -19.65 -6.72
C37 R16 F . -8.04 -19.33 -7.13
C38 R16 F . -7.04 -20.37 -6.68
C39 R16 F . -5.61 -20.07 -7.03
C40 R16 F . -4.63 -21.05 -6.43
C41 R16 F . -3.19 -20.72 -6.66
C42 R16 F . -2.24 -21.67 -5.99
C27 R16 G . -22.20 -15.74 4.57
C28 R16 G . -20.84 -15.72 5.23
C29 R16 G . -20.80 -15.03 6.56
C30 R16 G . -20.06 -15.80 7.62
C31 R16 G . -19.18 -16.92 7.12
C32 R16 G . -19.34 -18.26 7.80
C33 R16 G . -18.09 -18.70 8.51
C34 R16 G . -17.10 -19.50 7.69
C35 R16 G . -15.75 -19.61 8.36
C36 R16 G . -15.76 -20.20 9.74
C37 R16 G . -14.54 -19.90 10.56
C38 R16 G . -13.43 -20.91 10.40
C39 R16 G . -12.20 -20.66 11.24
C40 R16 G . -11.65 -21.89 11.93
C41 R16 G . -10.19 -22.10 11.70
C42 R16 G . -9.80 -21.95 10.24
C1 CLR H . -9.61 -17.69 -11.90
C2 CLR H . -8.45 -18.65 -11.71
C3 CLR H . -8.99 -19.92 -11.08
C4 CLR H . -10.00 -20.56 -12.04
C5 CLR H . -11.04 -19.61 -12.52
C6 CLR H . -12.31 -20.01 -12.59
C7 CLR H . -13.42 -19.15 -13.07
C8 CLR H . -12.89 -17.95 -13.84
C9 CLR H . -11.80 -17.26 -13.02
C10 CLR H . -10.60 -18.23 -12.93
C11 CLR H . -11.37 -15.93 -13.61
C12 CLR H . -12.38 -15.10 -14.41
C13 CLR H . -13.54 -15.85 -15.04
C14 CLR H . -13.97 -16.94 -14.07
C15 CLR H . -15.24 -17.47 -14.69
C16 CLR H . -15.91 -16.23 -15.31
C17 CLR H . -14.87 -15.09 -15.30
C18 CLR H . -13.13 -16.40 -16.41
C19 CLR H . -9.91 -18.32 -14.29
C20 CLR H . -14.97 -14.08 -16.44
C21 CLR H . -14.97 -12.65 -15.96
C22 CLR H . -16.30 -14.30 -17.18
C23 CLR H . -16.84 -13.01 -17.80
C24 CLR H . -18.29 -13.18 -18.23
C25 CLR H . -18.71 -12.12 -19.27
C26 CLR H . -18.53 -10.72 -18.73
C27 CLR H . -20.17 -12.33 -19.66
O1 CLR H . -7.93 -20.80 -10.94
C1 CLR I . -13.80 7.36 16.82
C2 CLR I . -12.61 7.47 17.78
C3 CLR I . -11.33 7.71 16.98
C4 CLR I . -11.45 8.97 16.14
C5 CLR I . -12.71 9.04 15.34
C6 CLR I . -12.65 9.42 14.07
C7 CLR I . -13.83 9.52 13.18
C8 CLR I . -15.11 9.62 14.00
C9 CLR I . -15.14 8.46 15.00
C10 CLR I . -13.99 8.66 16.03
C11 CLR I . -16.50 8.28 15.69
C12 CLR I . -17.77 8.61 14.89
C13 CLR I . -17.60 9.82 13.97
C14 CLR I . -16.35 9.55 13.13
C15 CLR I . -16.42 10.52 11.97
C16 CLR I . -17.90 10.92 11.87
C17 CLR I . -18.69 10.08 12.89
C18 CLR I . -17.55 11.11 14.79
C19 CLR I . -14.36 9.78 17.00
C20 CLR I . -20.03 10.65 13.35
C21 CLR I . -21.14 9.62 13.39
C22 CLR I . -20.46 11.83 12.45
C23 CLR I . -21.96 12.12 12.53
C24 CLR I . -22.59 12.19 11.15
C25 CLR I . -24.02 11.62 11.12
C26 CLR I . -23.99 10.10 10.99
C27 CLR I . -24.82 12.21 9.99
O1 CLR I . -10.30 7.92 17.90
C1 CLR J . 12.17 16.68 20.46
C2 CLR J . 13.67 16.45 20.58
C3 CLR J . 13.89 15.06 21.17
C4 CLR J . 13.34 14.02 20.21
C5 CLR J . 11.91 14.27 19.82
C6 CLR J . 11.07 13.25 19.77
C7 CLR J . 9.62 13.36 19.41
C8 CLR J . 9.28 14.72 18.81
C9 CLR J . 9.97 15.83 19.63
C10 CLR J . 11.50 15.69 19.51
C11 CLR J . 9.51 17.24 19.25
C12 CLR J . 8.03 17.43 18.93
C13 CLR J . 7.41 16.28 18.14
C14 CLR J . 7.79 14.98 18.86
C15 CLR J . 6.89 13.93 18.20
C16 CLR J . 5.63 14.70 17.77
C17 CLR J . 5.85 16.19 18.06
C18 CLR J . 7.87 16.34 16.68
C19 CLR J . 11.95 15.99 18.08
C20 CLR J . 5.11 17.19 17.14
C21 CLR J . 4.83 18.55 17.77
C22 CLR J . 3.78 16.58 16.65
C23 CLR J . 2.66 16.74 17.68
C24 CLR J . 1.40 15.98 17.26
C25 CLR J . 0.71 16.63 16.05
C26 CLR J . -0.52 15.83 15.64
C27 CLR J . 0.30 18.06 16.37
O1 CLR J . 15.27 14.85 21.26
CAA Y01 K . -3.28 -10.90 -12.99
CBA Y01 K . -3.51 -12.32 -13.53
CAB Y01 K . -2.14 -12.90 -13.87
CAN Y01 K . -4.49 -12.35 -14.75
CAJ Y01 K . -6.02 -12.33 -14.38
CAO Y01 K . -6.96 -11.42 -15.22
CBB Y01 K . -8.07 -12.15 -16.08
CAC Y01 K . -9.11 -12.76 -15.15
CBE Y01 K . -8.68 -11.20 -17.20
CAP Y01 K . -7.81 -11.12 -18.46
CAQ Y01 K . -8.62 -10.38 -19.52
CBG Y01 K . -10.01 -10.29 -18.94
CBI Y01 K . -10.09 -11.41 -17.87
CAE Y01 K . -10.20 -12.77 -18.51
CAU Y01 K . -11.34 -11.12 -17.04
CAS Y01 K . -12.59 -10.68 -17.85
CBF Y01 K . -12.38 -9.84 -19.16
CBD Y01 K . -11.14 -10.34 -19.90
CAK Y01 K . -10.84 -9.48 -21.08
CAI Y01 K . -11.98 -9.29 -21.95
CAZ Y01 K . -13.29 -9.49 -21.53
CAV Y01 K . -14.37 -9.26 -22.51
CBH Y01 K . -13.56 -9.91 -20.14
CAD Y01 K . -14.02 -11.36 -20.08
CAT Y01 K . -14.70 -8.99 -19.67
CAR Y01 K . -15.90 -9.02 -20.64
CBC Y01 K . -15.49 -8.34 -21.96
OAW Y01 K . -16.56 -8.33 -22.91
CAY Y01 K . -16.68 -7.31 -23.87
OAG Y01 K . -15.74 -6.51 -23.88
CAM Y01 K . -17.86 -7.16 -24.83
CAL Y01 K . -17.86 -5.78 -25.54
CAX Y01 K . -19.28 -5.29 -25.98
OAH Y01 K . -20.23 -6.13 -26.09
OAF Y01 K . -19.47 -4.05 -26.22
NA NA L . 2.22 5.03 -8.51
CL CL M . 1.01 -6.87 -5.25
#